data_9BDZ
#
_entry.id   9BDZ
#
_cell.length_a   46.078
_cell.length_b   46.233
_cell.length_c   98.646
_cell.angle_alpha   89.90
_cell.angle_beta   89.86
_cell.angle_gamma   60.10
#
_symmetry.space_group_name_H-M   'P 1'
#
loop_
_entity.id
_entity.type
_entity.pdbx_description
1 polymer 'double-stranded DNA'
2 polymer 'double-stranded DNA'
3 non-polymer 'ZINC ION'
4 non-polymer 'ACETATE ION'
5 water water
#
loop_
_entity_poly.entity_id
_entity_poly.type
_entity_poly.pdbx_seq_one_letter_code
_entity_poly.pdbx_strand_id
1 'polydeoxyribonucleotide' (DC)(DG)(DG)(DG)(DA)(DA)(DT)(DT)(DT)(DC)(DC)(DG) A,E,G,I,K,N,Y,W,U,S,Q,M
2 'polydeoxyribonucleotide' (DC)(DG)(DG)(DA)(DA)(DA)(DT)(DT)(DC)(DC)(DC)(DG) O,R,V,Z,c,e,g,i,k,m,o,q
#